data_7B01
#
_entry.id   7B01
#
_cell.length_a   105.576
_cell.length_b   105.576
_cell.length_c   125.837
_cell.angle_alpha   90.000
_cell.angle_beta   90.000
_cell.angle_gamma   120.000
#
_symmetry.space_group_name_H-M   'P 32 2 1'
#
loop_
_entity.id
_entity.type
_entity.pdbx_description
1 polymer 'Maltodextrin-binding protein,Maltodextrin-binding protein,Maltodextrin-binding protein,ADAMTS13 CUB12,A disintegrin and metalloproteinase with thrombospondin motifs 13,A disintegrin and metalloproteinase with thrombospondin motifs 13,A disintegrin and metalloproteinase with thrombospondin motifs 13'
2 branched 2-acetamido-2-deoxy-beta-D-glucopyranose-(1-4)-2-acetamido-2-deoxy-beta-D-glucopyranose
3 branched alpha-D-glucopyranose-(1-4)-alpha-D-glucopyranose
4 water water
#
_entity_poly.entity_id   1
_entity_poly.type   'polypeptide(L)'
_entity_poly.pdbx_seq_one_letter_code
;KIEEGKLVIWINGDKGYNGLAEVGKKFEKDTGIKVTVEHPDKLEEKFPQVAATGDGPDIIFWAHDRFGGYAQSGLLAEIT
PDKAFQDKLYPFTWDAVRYNGKLIAYPIAVEALSLIYNKDLLPNPPKTWEEIPALDKELKAKGKSALMFNLQEPYFTWPL
IAADGGYAFKYENGKYDIKDVGVDNAGAKAGLTFLVDLIKNKHMNADTDYSIAEAAFNKGETAMTINGPWAWSNIDTSKV
NYGVTVLPTFKGQPSKPFVGVLSAGINAASPNKELAKEFLENYLLTDEGLEAVNKDKPLGAVALKSYEEELAKDPRIAAT
MENAQKGEIMPNIPQMSAFWYAVRTAVINAASGRQTVDAALAAAQTNAASSACGRQHLEPTGTIDMRGPGQADCAVAIGR
PLGEVVTLRVLESSLNCSAGDMLLLWGRLTWRKMCRKLLDMTFSSKTNTLVVRQRSGRPGGGVLLRYGSQLAPETFYREC
DMQLFGPWGEIVSPSLSPATSNAGGCRLFINVAPHARIAIHALATNMGAGTEGANASYILIRDTHSLRTTAFHGQQVLYW
ESESSQAEMEFSEGFLKAQASLRGQYWTLQSWVPEMQDPQSWKGKEGT
;
_entity_poly.pdbx_strand_id   A
#
loop_
_chem_comp.id
_chem_comp.type
_chem_comp.name
_chem_comp.formula
GLC D-saccharide, alpha linking alpha-D-glucopyranose 'C6 H12 O6'
NAG D-saccharide, beta linking 2-acetamido-2-deoxy-beta-D-glucopyranose 'C8 H15 N O6'
#
# COMPACT_ATOMS: atom_id res chain seq x y z
N LYS A 1 -9.44 -20.26 -22.37
CA LYS A 1 -9.92 -20.42 -20.96
C LYS A 1 -11.20 -19.59 -20.73
N ILE A 2 -11.32 -18.43 -21.40
CA ILE A 2 -12.59 -17.67 -21.55
C ILE A 2 -13.32 -18.25 -22.77
N GLU A 3 -14.66 -18.18 -22.82
CA GLU A 3 -15.44 -18.71 -23.97
C GLU A 3 -16.20 -17.59 -24.69
N GLU A 4 -16.68 -17.94 -25.89
CA GLU A 4 -17.07 -17.04 -27.00
C GLU A 4 -18.56 -16.71 -26.89
N GLY A 5 -19.04 -15.81 -27.75
CA GLY A 5 -20.47 -15.43 -27.86
C GLY A 5 -21.06 -15.08 -26.49
N LYS A 6 -20.25 -14.55 -25.58
CA LYS A 6 -20.67 -14.17 -24.21
C LYS A 6 -19.60 -13.26 -23.59
N LEU A 7 -20.04 -12.24 -22.86
CA LEU A 7 -19.16 -11.24 -22.18
C LEU A 7 -19.28 -11.43 -20.67
N VAL A 8 -18.14 -11.41 -19.99
CA VAL A 8 -18.04 -11.42 -18.50
C VAL A 8 -17.35 -10.12 -18.08
N ILE A 9 -17.82 -9.49 -16.99
CA ILE A 9 -17.33 -8.17 -16.49
C ILE A 9 -17.01 -8.26 -15.00
N TRP A 10 -15.92 -7.62 -14.59
CA TRP A 10 -15.57 -7.40 -13.16
C TRP A 10 -15.62 -5.90 -12.85
N ILE A 11 -16.77 -5.42 -12.33
CA ILE A 11 -16.85 -4.06 -11.72
C ILE A 11 -16.56 -4.17 -10.22
N ASN A 12 -16.24 -3.05 -9.57
CA ASN A 12 -16.01 -3.00 -8.11
C ASN A 12 -17.36 -3.05 -7.41
N GLY A 13 -17.44 -3.78 -6.30
CA GLY A 13 -18.64 -3.94 -5.45
C GLY A 13 -19.23 -2.61 -5.03
N ASP A 14 -18.37 -1.61 -4.75
CA ASP A 14 -18.78 -0.26 -4.32
C ASP A 14 -19.12 0.58 -5.56
N LYS A 15 -19.77 -0.02 -6.56
CA LYS A 15 -20.25 0.69 -7.77
C LYS A 15 -21.51 0.01 -8.28
N GLY A 16 -22.22 0.65 -9.20
CA GLY A 16 -23.53 0.19 -9.68
C GLY A 16 -23.43 -0.95 -10.66
N TYR A 17 -23.33 -2.19 -10.17
CA TYR A 17 -23.25 -3.43 -10.99
C TYR A 17 -24.67 -3.84 -11.41
N ASN A 18 -25.65 -3.55 -10.55
CA ASN A 18 -27.08 -3.84 -10.84
C ASN A 18 -27.45 -3.06 -12.11
N GLY A 19 -27.15 -1.76 -12.14
CA GLY A 19 -27.44 -0.86 -13.28
C GLY A 19 -26.74 -1.27 -14.57
N LEU A 20 -25.45 -1.63 -14.47
CA LEU A 20 -24.62 -2.12 -15.60
C LEU A 20 -25.26 -3.41 -16.16
N ALA A 21 -25.46 -4.42 -15.30
CA ALA A 21 -26.11 -5.71 -15.62
C ALA A 21 -27.40 -5.45 -16.39
N GLU A 22 -28.18 -4.44 -15.97
CA GLU A 22 -29.41 -3.99 -16.68
C GLU A 22 -29.06 -3.63 -18.13
N VAL A 23 -27.96 -2.90 -18.35
CA VAL A 23 -27.46 -2.53 -19.71
C VAL A 23 -27.09 -3.82 -20.45
N GLY A 24 -26.46 -4.76 -19.75
CA GLY A 24 -26.12 -6.10 -20.27
C GLY A 24 -27.33 -6.89 -20.71
N LYS A 25 -28.48 -6.66 -20.08
CA LYS A 25 -29.74 -7.42 -20.34
C LYS A 25 -30.47 -6.78 -21.54
N LYS A 26 -30.29 -5.47 -21.72
CA LYS A 26 -30.87 -4.80 -22.91
C LYS A 26 -29.96 -5.20 -24.08
N PHE A 27 -28.67 -5.29 -23.78
CA PHE A 27 -27.66 -5.73 -24.76
C PHE A 27 -28.01 -7.17 -25.11
N GLU A 28 -28.31 -7.95 -24.08
CA GLU A 28 -28.70 -9.36 -24.30
C GLU A 28 -29.97 -9.41 -25.14
N LYS A 29 -30.93 -8.53 -24.90
CA LYS A 29 -32.12 -8.65 -25.76
C LYS A 29 -31.82 -8.21 -27.18
N ASP A 30 -31.30 -7.00 -27.37
CA ASP A 30 -31.16 -6.54 -28.77
C ASP A 30 -30.11 -7.33 -29.54
N THR A 31 -28.93 -7.50 -28.95
CA THR A 31 -27.81 -8.23 -29.61
C THR A 31 -28.08 -9.73 -29.66
N GLY A 32 -28.57 -10.31 -28.56
CA GLY A 32 -28.83 -11.75 -28.49
C GLY A 32 -27.67 -12.47 -27.83
N ILE A 33 -26.90 -11.80 -26.98
CA ILE A 33 -25.66 -12.41 -26.41
C ILE A 33 -25.63 -12.17 -24.89
N LYS A 34 -25.26 -13.20 -24.15
CA LYS A 34 -25.26 -13.21 -22.67
C LYS A 34 -24.24 -12.21 -22.09
N VAL A 35 -24.62 -11.53 -21.01
CA VAL A 35 -23.69 -10.58 -20.34
C VAL A 35 -23.72 -10.87 -18.85
N THR A 36 -22.59 -11.30 -18.28
CA THR A 36 -22.51 -11.65 -16.83
C THR A 36 -21.68 -10.57 -16.14
N VAL A 37 -22.11 -10.09 -14.97
CA VAL A 37 -21.37 -9.01 -14.27
C VAL A 37 -20.97 -9.44 -12.85
N GLU A 38 -19.74 -9.90 -12.67
CA GLU A 38 -19.27 -10.24 -11.31
C GLU A 38 -18.75 -8.99 -10.62
N HIS A 39 -18.61 -9.03 -9.30
CA HIS A 39 -18.00 -7.92 -8.53
C HIS A 39 -17.18 -8.53 -7.41
N PRO A 40 -16.21 -9.41 -7.72
CA PRO A 40 -15.39 -10.08 -6.71
C PRO A 40 -14.52 -9.17 -5.83
N ASP A 41 -14.35 -9.56 -4.56
CA ASP A 41 -13.52 -8.76 -3.63
C ASP A 41 -12.07 -8.82 -4.12
N LYS A 42 -11.34 -7.71 -3.96
CA LYS A 42 -9.89 -7.56 -4.23
C LYS A 42 -9.58 -7.79 -5.71
N LEU A 43 -10.55 -7.52 -6.60
CA LEU A 43 -10.44 -7.85 -8.06
C LEU A 43 -9.27 -7.05 -8.65
N GLU A 44 -8.90 -5.93 -8.02
CA GLU A 44 -7.73 -5.10 -8.42
C GLU A 44 -6.44 -5.92 -8.28
N GLU A 45 -6.33 -6.76 -7.26
CA GLU A 45 -5.11 -7.57 -6.97
C GLU A 45 -5.23 -8.94 -7.65
N LYS A 46 -6.44 -9.33 -8.06
CA LYS A 46 -6.75 -10.72 -8.48
C LYS A 46 -6.82 -10.84 -10.00
N PHE A 47 -7.46 -9.88 -10.68
CA PHE A 47 -7.53 -9.81 -12.17
C PHE A 47 -6.18 -10.03 -12.85
N PRO A 48 -5.05 -9.51 -12.30
CA PRO A 48 -3.73 -9.76 -12.87
C PRO A 48 -3.36 -11.24 -12.96
N GLN A 49 -3.32 -11.93 -11.81
CA GLN A 49 -2.99 -13.37 -11.73
C GLN A 49 -3.91 -14.14 -12.69
N VAL A 50 -5.20 -13.79 -12.79
CA VAL A 50 -6.27 -14.62 -13.44
C VAL A 50 -6.32 -14.38 -14.95
N ALA A 51 -6.02 -13.15 -15.38
CA ALA A 51 -5.92 -12.76 -16.80
C ALA A 51 -4.54 -13.11 -17.34
N ALA A 52 -3.55 -13.09 -16.43
CA ALA A 52 -2.15 -13.43 -16.76
C ALA A 52 -2.10 -14.87 -17.24
N THR A 53 -2.93 -15.72 -16.66
CA THR A 53 -3.08 -17.15 -17.04
C THR A 53 -3.68 -17.24 -18.43
N GLY A 54 -4.58 -16.30 -18.76
CA GLY A 54 -5.31 -16.36 -20.03
C GLY A 54 -6.79 -16.55 -19.78
N ASP A 55 -7.18 -16.57 -18.51
CA ASP A 55 -8.60 -16.69 -18.06
C ASP A 55 -9.05 -15.28 -17.70
N GLY A 56 -9.94 -15.14 -16.72
CA GLY A 56 -10.42 -13.80 -16.30
C GLY A 56 -11.60 -13.36 -17.13
N PRO A 57 -12.14 -12.15 -16.92
CA PRO A 57 -13.29 -11.65 -17.65
C PRO A 57 -12.96 -11.04 -19.01
N ASP A 58 -13.98 -10.82 -19.83
CA ASP A 58 -13.77 -10.18 -21.15
C ASP A 58 -13.55 -8.68 -20.95
N ILE A 59 -14.22 -8.10 -19.97
CA ILE A 59 -14.12 -6.65 -19.64
C ILE A 59 -13.78 -6.52 -18.15
N ILE A 60 -13.16 -5.41 -17.77
CA ILE A 60 -12.85 -5.08 -16.34
C ILE A 60 -13.03 -3.57 -16.17
N PHE A 61 -13.65 -3.15 -15.07
CA PHE A 61 -13.83 -1.72 -14.73
C PHE A 61 -13.02 -1.39 -13.47
N TRP A 62 -12.14 -0.41 -13.58
CA TRP A 62 -11.34 0.07 -12.42
C TRP A 62 -10.86 1.49 -12.73
N ALA A 63 -10.47 2.26 -11.71
CA ALA A 63 -9.91 3.61 -11.90
C ALA A 63 -8.63 3.45 -12.70
N HIS A 64 -8.40 4.33 -13.67
CA HIS A 64 -7.24 4.23 -14.60
C HIS A 64 -5.91 4.00 -13.92
N ASP A 65 -5.77 4.12 -12.60
CA ASP A 65 -4.37 4.01 -12.10
C ASP A 65 -3.77 2.63 -12.32
N ARG A 66 -4.53 1.58 -12.03
CA ARG A 66 -4.06 0.18 -12.11
C ARG A 66 -3.82 -0.22 -13.55
N PHE A 67 -4.57 0.35 -14.48
CA PHE A 67 -4.57 -0.03 -15.91
C PHE A 67 -3.18 0.05 -16.56
N GLY A 68 -2.31 0.95 -16.15
CA GLY A 68 -0.96 1.01 -16.72
C GLY A 68 -0.19 -0.26 -16.45
N GLY A 69 -0.25 -0.77 -15.23
CA GLY A 69 0.42 -2.04 -14.91
C GLY A 69 -0.17 -3.18 -15.71
N TYR A 70 -1.49 -3.20 -15.84
CA TYR A 70 -2.23 -4.24 -16.59
C TYR A 70 -1.79 -4.22 -18.05
N ALA A 71 -1.64 -3.02 -18.62
CA ALA A 71 -1.20 -2.87 -20.03
C ALA A 71 0.22 -3.39 -20.18
N GLN A 72 1.07 -3.03 -19.22
CA GLN A 72 2.51 -3.39 -19.16
C GLN A 72 2.63 -4.90 -19.03
N SER A 73 1.73 -5.49 -18.26
CA SER A 73 1.65 -6.96 -18.02
C SER A 73 1.20 -7.72 -19.28
N GLY A 74 0.58 -7.04 -20.25
CA GLY A 74 0.16 -7.64 -21.52
C GLY A 74 -1.25 -8.18 -21.44
N LEU A 75 -1.90 -7.94 -20.30
CA LEU A 75 -3.29 -8.35 -19.99
C LEU A 75 -4.32 -7.58 -20.82
N LEU A 76 -4.07 -6.30 -21.04
CA LEU A 76 -5.04 -5.43 -21.74
C LEU A 76 -4.82 -5.41 -23.25
N ALA A 77 -5.92 -5.31 -24.01
CA ALA A 77 -5.92 -5.23 -25.48
C ALA A 77 -6.12 -3.76 -25.88
N GLU A 78 -5.58 -3.34 -27.03
CA GLU A 78 -5.55 -1.92 -27.45
C GLU A 78 -6.92 -1.50 -28.01
N ILE A 79 -7.63 -0.67 -27.27
CA ILE A 79 -8.92 -0.06 -27.71
C ILE A 79 -8.57 1.03 -28.73
N THR A 80 -9.33 1.14 -29.81
CA THR A 80 -9.00 1.92 -31.04
C THR A 80 -10.27 2.51 -31.65
N PRO A 81 -10.93 3.46 -30.96
CA PRO A 81 -12.23 3.95 -31.39
C PRO A 81 -12.08 4.95 -32.53
N ASP A 82 -13.13 5.10 -33.34
CA ASP A 82 -13.17 6.04 -34.48
C ASP A 82 -13.14 7.48 -33.95
N LYS A 83 -12.56 8.39 -34.73
CA LYS A 83 -12.50 9.82 -34.35
C LYS A 83 -13.91 10.30 -34.02
N ALA A 84 -14.89 9.75 -34.70
CA ALA A 84 -16.29 10.13 -34.46
C ALA A 84 -16.69 9.72 -33.04
N PHE A 85 -16.30 8.52 -32.61
CA PHE A 85 -16.62 8.06 -31.24
C PHE A 85 -15.80 8.78 -30.18
N GLN A 86 -14.51 8.95 -30.45
CA GLN A 86 -13.53 9.59 -29.53
C GLN A 86 -13.93 11.04 -29.23
N ASP A 87 -14.56 11.71 -30.19
CA ASP A 87 -15.07 13.10 -30.12
C ASP A 87 -16.32 13.19 -29.23
N LYS A 88 -16.92 12.10 -28.80
CA LYS A 88 -18.09 12.21 -27.89
C LYS A 88 -17.62 12.29 -26.44
N LEU A 89 -16.33 12.05 -26.18
CA LEU A 89 -15.78 11.99 -24.81
C LEU A 89 -14.72 13.07 -24.55
N TYR A 90 -14.73 13.65 -23.34
CA TYR A 90 -13.79 14.68 -22.82
C TYR A 90 -12.36 14.18 -22.99
N PRO A 91 -11.57 14.76 -23.92
CA PRO A 91 -10.35 14.12 -24.38
C PRO A 91 -9.32 14.07 -23.24
N PHE A 92 -9.54 14.88 -22.20
CA PHE A 92 -8.84 14.79 -20.89
C PHE A 92 -8.90 13.36 -20.34
N THR A 93 -10.08 12.72 -20.41
CA THR A 93 -10.32 11.36 -19.89
C THR A 93 -9.55 10.34 -20.74
N TRP A 94 -9.49 10.53 -22.07
CA TRP A 94 -8.65 9.69 -22.97
C TRP A 94 -7.18 9.83 -22.57
N ASP A 95 -6.80 10.98 -22.03
CA ASP A 95 -5.39 11.29 -21.67
C ASP A 95 -5.02 10.51 -20.39
N ALA A 96 -6.01 10.03 -19.65
CA ALA A 96 -5.79 9.25 -18.41
C ALA A 96 -5.65 7.74 -18.70
N VAL A 97 -6.05 7.31 -19.91
CA VAL A 97 -6.16 5.87 -20.30
C VAL A 97 -5.27 5.60 -21.50
N ARG A 98 -4.14 6.28 -21.54
CA ARG A 98 -3.21 6.20 -22.68
C ARG A 98 -1.85 5.78 -22.15
N TYR A 99 -1.44 4.55 -22.41
CA TYR A 99 -0.13 4.07 -21.91
C TYR A 99 0.78 3.83 -23.10
N ASN A 100 1.95 4.47 -23.11
CA ASN A 100 2.93 4.37 -24.21
C ASN A 100 2.27 4.77 -25.53
N GLY A 101 1.50 5.85 -25.52
CA GLY A 101 0.82 6.35 -26.73
C GLY A 101 -0.13 5.35 -27.33
N LYS A 102 -0.81 4.56 -26.49
CA LYS A 102 -1.82 3.59 -26.92
C LYS A 102 -2.96 3.69 -25.93
N LEU A 103 -4.20 3.64 -26.40
CA LEU A 103 -5.38 3.63 -25.50
C LEU A 103 -5.58 2.17 -25.09
N ILE A 104 -5.74 1.94 -23.79
CA ILE A 104 -5.82 0.57 -23.25
C ILE A 104 -7.16 0.35 -22.56
N ALA A 105 -7.93 1.40 -22.38
CA ALA A 105 -9.19 1.31 -21.62
C ALA A 105 -10.12 2.42 -22.08
N TYR A 106 -11.42 2.10 -22.21
CA TYR A 106 -12.50 3.09 -22.46
C TYR A 106 -12.70 3.89 -21.17
N PRO A 107 -12.63 5.24 -21.21
CA PRO A 107 -12.89 6.06 -20.03
C PRO A 107 -14.40 6.21 -19.84
N ILE A 108 -14.88 6.13 -18.60
CA ILE A 108 -16.33 6.02 -18.29
C ILE A 108 -16.76 7.27 -17.51
N ALA A 109 -16.08 7.54 -16.40
CA ALA A 109 -16.37 8.70 -15.56
C ALA A 109 -15.10 9.13 -14.82
N VAL A 110 -15.13 10.38 -14.37
CA VAL A 110 -14.13 11.05 -13.50
C VAL A 110 -14.71 11.10 -12.09
N GLU A 111 -14.03 10.51 -11.11
CA GLU A 111 -14.40 10.54 -9.69
C GLU A 111 -13.41 11.45 -8.96
N ALA A 112 -13.77 11.91 -7.78
CA ALA A 112 -12.89 12.63 -6.83
C ALA A 112 -13.61 12.77 -5.48
N LEU A 113 -12.87 12.57 -4.40
CA LEU A 113 -13.41 12.69 -3.02
C LEU A 113 -13.81 14.14 -2.78
N SER A 114 -15.09 14.36 -2.46
CA SER A 114 -15.61 15.65 -1.94
C SER A 114 -15.68 15.55 -0.41
N LEU A 115 -16.23 16.58 0.24
CA LEU A 115 -16.61 16.52 1.67
C LEU A 115 -18.12 16.34 1.76
N ILE A 116 -18.57 15.21 2.28
CA ILE A 116 -20.02 14.96 2.57
C ILE A 116 -20.25 15.32 4.04
N TYR A 117 -21.29 16.12 4.31
CA TYR A 117 -21.66 16.58 5.68
C TYR A 117 -23.19 16.54 5.82
N ASN A 118 -23.64 16.14 7.01
CA ASN A 118 -25.05 16.16 7.50
C ASN A 118 -25.46 17.62 7.71
N LYS A 119 -26.30 18.17 6.81
CA LYS A 119 -26.76 19.58 6.88
C LYS A 119 -27.48 19.80 8.22
N ASP A 120 -28.20 18.78 8.71
CA ASP A 120 -29.01 18.85 9.96
C ASP A 120 -28.10 19.17 11.15
N LEU A 121 -27.21 18.25 11.55
CA LEU A 121 -26.24 18.46 12.66
C LEU A 121 -25.39 19.71 12.40
N LEU A 122 -24.86 19.85 11.18
CA LEU A 122 -23.85 20.86 10.79
C LEU A 122 -24.42 21.78 9.71
N PRO A 123 -24.72 23.06 10.04
CA PRO A 123 -25.41 23.95 9.11
C PRO A 123 -24.45 24.58 8.09
N ASN A 124 -23.37 25.17 8.63
CA ASN A 124 -22.12 25.57 7.94
C ASN A 124 -21.06 24.53 8.29
N PRO A 125 -20.37 23.91 7.30
CA PRO A 125 -19.24 23.04 7.59
C PRO A 125 -17.95 23.84 7.80
N PRO A 126 -16.84 23.18 8.16
CA PRO A 126 -15.57 23.86 8.39
C PRO A 126 -14.84 24.19 7.08
N LYS A 127 -14.13 25.31 7.06
CA LYS A 127 -13.27 25.73 5.91
C LYS A 127 -11.92 25.04 6.07
N THR A 128 -11.29 25.20 7.24
CA THR A 128 -9.97 24.59 7.57
C THR A 128 -10.19 23.19 8.13
N TRP A 129 -9.20 22.33 7.93
CA TRP A 129 -9.02 21.09 8.73
C TRP A 129 -8.80 21.46 10.19
N GLU A 130 -8.03 22.52 10.45
CA GLU A 130 -7.53 22.88 11.80
C GLU A 130 -8.70 23.11 12.78
N GLU A 131 -9.91 23.40 12.28
CA GLU A 131 -11.06 23.82 13.12
C GLU A 131 -12.03 22.65 13.36
N ILE A 132 -11.60 21.41 13.15
CA ILE A 132 -12.39 20.17 13.40
C ILE A 132 -12.21 19.69 14.84
N PRO A 133 -10.98 19.60 15.42
CA PRO A 133 -10.81 19.03 16.75
C PRO A 133 -11.65 19.77 17.80
N ALA A 134 -11.71 21.09 17.68
CA ALA A 134 -12.63 21.99 18.40
C ALA A 134 -14.07 21.55 18.08
N LEU A 135 -14.37 21.32 16.81
CA LEU A 135 -15.73 20.93 16.34
C LEU A 135 -16.08 19.53 16.88
N ASP A 136 -15.10 18.63 17.06
CA ASP A 136 -15.35 17.28 17.63
C ASP A 136 -15.82 17.43 19.08
N LYS A 137 -15.01 18.06 19.95
CA LYS A 137 -15.35 18.41 21.36
C LYS A 137 -16.80 18.92 21.40
N GLU A 138 -17.08 19.96 20.58
CA GLU A 138 -18.38 20.69 20.48
C GLU A 138 -19.48 19.71 20.05
N LEU A 139 -19.11 18.48 19.65
CA LEU A 139 -20.04 17.41 19.23
C LEU A 139 -19.88 16.17 20.15
N LYS A 140 -18.75 16.03 20.85
CA LYS A 140 -18.61 15.04 21.96
C LYS A 140 -19.61 15.40 23.05
N ALA A 141 -19.66 16.68 23.43
CA ALA A 141 -20.68 17.32 24.30
C ALA A 141 -22.06 16.74 24.00
N LYS A 142 -22.50 16.82 22.74
CA LYS A 142 -23.85 16.38 22.27
C LYS A 142 -23.88 14.86 22.08
N GLY A 143 -22.74 14.17 22.32
CA GLY A 143 -22.58 12.71 22.17
C GLY A 143 -22.42 12.29 20.72
N LYS A 144 -21.49 12.92 19.98
CA LYS A 144 -21.36 12.78 18.51
C LYS A 144 -19.88 12.91 18.09
N SER A 145 -19.59 12.59 16.81
CA SER A 145 -18.27 12.74 16.15
C SER A 145 -18.40 13.68 14.94
N ALA A 146 -17.41 14.54 14.73
CA ALA A 146 -17.39 15.56 13.65
C ALA A 146 -17.15 14.88 12.29
N LEU A 147 -16.20 13.93 12.24
CA LEU A 147 -15.75 13.28 10.99
C LEU A 147 -15.44 11.79 11.22
N MET A 148 -15.92 10.96 10.29
CA MET A 148 -15.63 9.52 10.16
C MET A 148 -15.49 9.20 8.67
N PHE A 149 -14.31 8.77 8.23
CA PHE A 149 -14.05 8.25 6.86
C PHE A 149 -13.01 7.13 6.92
N ASN A 150 -12.93 6.32 5.85
CA ASN A 150 -12.10 5.08 5.80
C ASN A 150 -10.62 5.43 5.95
N LEU A 151 -9.99 5.11 7.08
CA LEU A 151 -8.55 5.38 7.33
C LEU A 151 -7.69 4.17 6.94
N GLN A 152 -8.29 3.15 6.33
CA GLN A 152 -7.58 1.90 5.93
C GLN A 152 -6.96 2.13 4.54
N GLU A 153 -7.79 2.35 3.51
CA GLU A 153 -7.33 2.76 2.16
C GLU A 153 -6.65 4.13 2.20
N PRO A 154 -5.59 4.33 1.40
CA PRO A 154 -4.85 5.60 1.39
C PRO A 154 -5.52 6.66 0.49
N TYR A 155 -6.25 6.21 -0.53
CA TYR A 155 -7.07 7.05 -1.43
C TYR A 155 -7.82 8.12 -0.64
N PHE A 156 -8.30 7.76 0.55
CA PHE A 156 -9.13 8.63 1.40
C PHE A 156 -8.31 9.61 2.21
N THR A 157 -7.25 9.12 2.83
CA THR A 157 -6.35 9.94 3.67
C THR A 157 -5.45 10.85 2.83
N TRP A 158 -5.19 10.47 1.58
CA TRP A 158 -4.22 11.19 0.72
C TRP A 158 -4.52 12.68 0.56
N PRO A 159 -5.77 13.12 0.37
CA PRO A 159 -6.06 14.53 0.14
C PRO A 159 -5.47 15.45 1.22
N LEU A 160 -5.57 15.07 2.47
CA LEU A 160 -5.02 15.92 3.56
C LEU A 160 -3.49 15.91 3.51
N ILE A 161 -2.87 14.79 3.16
CA ILE A 161 -1.39 14.72 3.08
C ILE A 161 -0.89 15.61 1.94
N ALA A 162 -1.59 15.55 0.81
CA ALA A 162 -1.20 16.30 -0.40
C ALA A 162 -1.67 17.75 -0.39
N ALA A 163 -2.44 18.18 0.60
CA ALA A 163 -2.90 19.59 0.62
C ALA A 163 -1.68 20.52 0.59
N ASP A 164 -0.83 20.42 1.60
CA ASP A 164 0.41 21.22 1.68
C ASP A 164 1.52 20.28 1.25
N GLY A 165 2.27 20.62 0.22
CA GLY A 165 3.34 19.75 -0.30
C GLY A 165 2.74 18.45 -0.79
N GLY A 166 3.44 17.34 -0.57
CA GLY A 166 2.97 15.97 -0.84
C GLY A 166 2.59 15.62 -2.26
N TYR A 167 3.51 15.03 -3.02
CA TYR A 167 3.18 14.57 -4.39
C TYR A 167 3.62 13.12 -4.51
N ALA A 168 3.19 12.46 -5.57
CA ALA A 168 3.55 11.06 -5.85
C ALA A 168 3.94 11.02 -7.32
N PHE A 169 5.19 10.72 -7.65
CA PHE A 169 5.74 10.65 -9.03
C PHE A 169 5.61 11.99 -9.75
N LYS A 170 6.65 12.82 -9.65
CA LYS A 170 6.73 14.18 -10.23
C LYS A 170 6.54 14.19 -11.75
N TYR A 171 5.98 15.27 -12.28
CA TYR A 171 5.83 15.41 -13.74
C TYR A 171 6.93 16.36 -14.20
N GLU A 172 8.03 15.76 -14.66
CA GLU A 172 9.24 16.49 -15.08
C GLU A 172 9.43 16.18 -16.56
N ASN A 173 9.55 17.22 -17.38
CA ASN A 173 9.76 17.03 -18.83
C ASN A 173 8.69 16.10 -19.41
N GLY A 174 7.43 16.35 -19.09
CA GLY A 174 6.32 15.59 -19.70
C GLY A 174 6.48 14.10 -19.55
N LYS A 175 6.85 13.66 -18.34
CA LYS A 175 6.98 12.22 -18.01
C LYS A 175 6.97 12.08 -16.48
N TYR A 176 6.76 10.88 -15.95
CA TYR A 176 6.75 10.73 -14.47
C TYR A 176 8.13 10.27 -14.01
N ASP A 177 8.81 11.13 -13.24
CA ASP A 177 10.17 10.82 -12.71
C ASP A 177 10.01 9.82 -11.57
N ILE A 178 10.09 8.54 -11.89
CA ILE A 178 9.78 7.48 -10.87
C ILE A 178 10.76 7.55 -9.69
N LYS A 179 11.90 8.20 -9.89
CA LYS A 179 12.91 8.25 -8.80
C LYS A 179 12.63 9.45 -7.90
N ASP A 180 11.61 10.24 -8.24
CA ASP A 180 11.30 11.46 -7.44
C ASP A 180 9.80 11.56 -7.13
N VAL A 181 9.37 11.00 -5.99
CA VAL A 181 7.96 11.10 -5.52
C VAL A 181 7.98 11.96 -4.25
N GLY A 182 6.87 12.62 -3.94
CA GLY A 182 6.80 13.51 -2.76
C GLY A 182 6.83 12.86 -1.40
N VAL A 183 5.95 11.88 -1.15
CA VAL A 183 5.77 11.11 0.12
C VAL A 183 6.53 11.67 1.32
N ASP A 184 7.84 11.48 1.42
CA ASP A 184 8.55 12.04 2.61
C ASP A 184 8.98 13.50 2.39
N ASN A 185 8.02 14.40 2.25
CA ASN A 185 8.31 15.85 2.13
C ASN A 185 7.67 16.52 3.35
N ALA A 186 8.26 17.59 3.88
CA ALA A 186 7.71 18.25 5.08
C ALA A 186 6.24 18.56 4.88
N GLY A 187 5.82 18.81 3.65
CA GLY A 187 4.39 19.09 3.42
C GLY A 187 3.58 17.86 3.75
N ALA A 188 4.02 16.70 3.26
CA ALA A 188 3.30 15.44 3.53
C ALA A 188 3.41 15.07 5.01
N LYS A 189 4.61 15.19 5.58
CA LYS A 189 4.81 14.76 6.97
C LYS A 189 3.90 15.61 7.86
N ALA A 190 3.88 16.92 7.65
CA ALA A 190 3.02 17.78 8.48
C ALA A 190 1.57 17.42 8.23
N GLY A 191 1.20 17.14 6.99
CA GLY A 191 -0.18 16.75 6.66
C GLY A 191 -0.57 15.47 7.35
N LEU A 192 0.35 14.50 7.47
CA LEU A 192 0.04 13.21 8.14
C LEU A 192 0.16 13.37 9.64
N THR A 193 1.03 14.25 10.12
CA THR A 193 1.17 14.54 11.57
C THR A 193 -0.21 14.97 12.08
N PHE A 194 -0.96 15.72 11.28
CA PHE A 194 -2.29 16.27 11.69
C PHE A 194 -3.29 15.13 11.82
N LEU A 195 -3.39 14.26 10.81
CA LEU A 195 -4.29 13.07 10.84
C LEU A 195 -4.02 12.30 12.14
N VAL A 196 -2.74 12.07 12.45
CA VAL A 196 -2.28 11.37 13.68
C VAL A 196 -2.73 12.13 14.94
N ASP A 197 -2.68 13.47 14.92
CA ASP A 197 -3.14 14.35 16.03
C ASP A 197 -4.56 13.93 16.45
N LEU A 198 -5.46 13.74 15.48
CA LEU A 198 -6.92 13.58 15.69
C LEU A 198 -7.19 12.23 16.37
N ILE A 199 -6.42 11.21 16.00
CA ILE A 199 -6.48 9.84 16.57
C ILE A 199 -5.93 9.90 18.01
N LYS A 200 -4.72 10.48 18.15
CA LYS A 200 -4.05 10.79 19.45
C LYS A 200 -5.02 11.49 20.40
N ASN A 201 -5.68 12.55 19.91
CA ASN A 201 -6.63 13.39 20.68
C ASN A 201 -8.05 12.84 20.51
N LYS A 202 -8.18 11.55 20.18
CA LYS A 202 -9.43 10.76 20.34
C LYS A 202 -10.58 11.40 19.57
N HIS A 203 -10.33 11.91 18.36
CA HIS A 203 -11.36 12.47 17.44
C HIS A 203 -11.67 11.48 16.32
N MET A 204 -10.74 10.58 16.00
CA MET A 204 -10.89 9.53 14.97
C MET A 204 -10.34 8.22 15.52
N ASN A 205 -11.08 7.14 15.35
CA ASN A 205 -10.62 5.82 15.83
C ASN A 205 -9.54 5.38 14.85
N ALA A 206 -8.42 4.90 15.37
CA ALA A 206 -7.27 4.53 14.52
C ALA A 206 -7.65 3.39 13.58
N ASP A 207 -8.90 2.93 13.60
CA ASP A 207 -9.21 1.81 12.67
C ASP A 207 -10.62 1.90 12.12
N THR A 208 -10.98 3.03 11.56
CA THR A 208 -12.30 3.16 10.91
C THR A 208 -12.23 2.47 9.55
N ASP A 209 -13.38 1.98 9.07
CA ASP A 209 -13.44 1.29 7.75
C ASP A 209 -14.41 2.04 6.85
N TYR A 210 -14.65 1.50 5.65
CA TYR A 210 -15.56 2.12 4.67
C TYR A 210 -16.99 1.84 5.10
N SER A 211 -17.22 0.61 5.57
CA SER A 211 -18.56 0.17 6.01
C SER A 211 -18.90 0.82 7.33
N ILE A 212 -17.93 0.85 8.24
CA ILE A 212 -18.07 1.51 9.56
C ILE A 212 -18.55 2.92 9.31
N ALA A 213 -17.70 3.69 8.65
CA ALA A 213 -17.90 5.12 8.36
C ALA A 213 -19.12 5.36 7.47
N GLU A 214 -19.36 4.49 6.49
CA GLU A 214 -20.53 4.62 5.58
C GLU A 214 -21.80 4.49 6.41
N ALA A 215 -21.80 3.56 7.36
CA ALA A 215 -22.95 3.31 8.25
C ALA A 215 -22.96 4.35 9.36
N ALA A 216 -21.81 4.68 9.94
CA ALA A 216 -21.85 5.69 11.02
C ALA A 216 -22.40 7.01 10.47
N PHE A 217 -21.98 7.41 9.29
CA PHE A 217 -22.52 8.69 8.78
C PHE A 217 -23.99 8.55 8.41
N ASN A 218 -24.35 7.44 7.78
CA ASN A 218 -25.72 7.20 7.28
C ASN A 218 -26.72 7.18 8.42
N LYS A 219 -26.33 6.66 9.59
CA LYS A 219 -27.21 6.67 10.77
C LYS A 219 -27.28 8.09 11.33
N GLY A 220 -26.24 8.89 11.12
CA GLY A 220 -26.19 10.26 11.65
C GLY A 220 -25.42 10.30 12.96
N GLU A 221 -24.66 9.24 13.26
CA GLU A 221 -23.75 9.16 14.42
C GLU A 221 -22.65 10.24 14.26
N THR A 222 -22.18 10.47 13.03
CA THR A 222 -21.08 11.43 12.71
C THR A 222 -21.56 12.56 11.82
N ALA A 223 -20.91 13.72 11.92
CA ALA A 223 -21.31 14.99 11.26
C ALA A 223 -20.83 15.03 9.80
N MET A 224 -19.64 14.50 9.53
CA MET A 224 -19.01 14.52 8.19
C MET A 224 -18.42 13.15 7.87
N THR A 225 -18.42 12.78 6.58
CA THR A 225 -17.61 11.68 5.99
C THR A 225 -16.96 12.21 4.70
N ILE A 226 -16.07 11.41 4.10
CA ILE A 226 -15.30 11.76 2.87
C ILE A 226 -15.47 10.64 1.86
N ASN A 227 -16.14 10.92 0.75
CA ASN A 227 -16.41 9.86 -0.23
C ASN A 227 -16.79 10.41 -1.60
N GLY A 228 -16.71 9.53 -2.59
CA GLY A 228 -16.99 9.80 -4.00
C GLY A 228 -18.43 9.64 -4.35
N PRO A 229 -18.77 9.84 -5.64
CA PRO A 229 -20.14 9.76 -6.14
C PRO A 229 -20.91 8.47 -5.87
N TRP A 230 -20.22 7.34 -5.81
CA TRP A 230 -20.85 6.01 -5.58
C TRP A 230 -21.62 5.98 -4.26
N ALA A 231 -21.11 6.64 -3.23
CA ALA A 231 -21.58 6.69 -1.83
C ALA A 231 -22.95 7.31 -1.66
N TRP A 232 -23.30 8.32 -2.45
CA TRP A 232 -24.57 9.05 -2.27
C TRP A 232 -25.77 8.10 -2.34
N SER A 233 -25.74 7.16 -3.30
CA SER A 233 -26.82 6.17 -3.53
C SER A 233 -27.37 5.59 -2.23
N ASN A 234 -26.52 5.38 -1.24
CA ASN A 234 -26.94 4.74 0.03
C ASN A 234 -27.31 5.80 1.06
N ILE A 235 -26.62 6.94 1.04
CA ILE A 235 -26.94 8.11 1.91
C ILE A 235 -28.35 8.61 1.55
N ASP A 236 -28.68 8.65 0.26
CA ASP A 236 -30.02 9.04 -0.27
C ASP A 236 -31.13 8.23 0.41
N THR A 237 -30.92 6.92 0.58
CA THR A 237 -31.89 5.97 1.20
C THR A 237 -31.81 6.04 2.74
N SER A 238 -31.27 7.12 3.31
CA SER A 238 -31.18 7.39 4.76
C SER A 238 -31.83 8.74 5.09
N LYS A 239 -32.41 9.40 4.10
CA LYS A 239 -33.04 10.74 4.22
C LYS A 239 -32.23 11.59 5.22
N VAL A 240 -30.94 11.82 4.97
CA VAL A 240 -30.04 12.47 5.97
C VAL A 240 -30.01 13.99 5.72
N ASN A 241 -30.55 14.45 4.58
CA ASN A 241 -30.44 15.87 4.14
C ASN A 241 -28.96 16.27 4.20
N TYR A 242 -28.14 15.52 3.45
CA TYR A 242 -26.66 15.55 3.43
C TYR A 242 -26.21 16.61 2.41
N GLY A 243 -25.03 17.19 2.65
CA GLY A 243 -24.40 18.15 1.72
C GLY A 243 -23.14 17.57 1.12
N VAL A 244 -22.78 18.01 -0.08
CA VAL A 244 -21.51 17.65 -0.79
C VAL A 244 -20.79 18.94 -1.13
N THR A 245 -19.70 19.27 -0.43
CA THR A 245 -18.98 20.56 -0.56
C THR A 245 -17.49 20.33 -0.83
N VAL A 246 -16.72 21.42 -0.90
CA VAL A 246 -15.24 21.42 -1.07
C VAL A 246 -14.61 20.81 0.19
N LEU A 247 -13.53 20.06 0.01
CA LEU A 247 -12.72 19.52 1.13
C LEU A 247 -12.12 20.68 1.90
N PRO A 248 -12.07 20.59 3.24
CA PRO A 248 -11.41 21.61 4.05
C PRO A 248 -9.92 21.71 3.74
N THR A 249 -9.29 22.75 4.27
CA THR A 249 -8.01 23.30 3.80
C THR A 249 -6.98 23.11 4.92
N PHE A 250 -5.82 22.56 4.60
CA PHE A 250 -4.71 22.35 5.57
C PHE A 250 -3.66 23.44 5.38
N LYS A 251 -3.24 24.09 6.46
CA LYS A 251 -2.09 25.04 6.48
C LYS A 251 -2.26 26.11 5.39
N GLY A 252 -3.50 26.58 5.17
CA GLY A 252 -3.81 27.60 4.15
C GLY A 252 -4.11 26.98 2.80
N GLN A 253 -3.32 26.00 2.35
CA GLN A 253 -3.54 25.26 1.08
C GLN A 253 -4.88 24.53 1.14
N PRO A 254 -5.50 24.21 -0.02
CA PRO A 254 -6.66 23.31 -0.05
C PRO A 254 -6.20 21.84 -0.06
N SER A 255 -7.10 20.92 0.31
CA SER A 255 -6.88 19.46 0.22
C SER A 255 -6.79 19.07 -1.26
N LYS A 256 -5.89 18.12 -1.58
CA LYS A 256 -5.57 17.71 -2.98
C LYS A 256 -5.94 16.24 -3.17
N PRO A 257 -7.25 15.94 -3.36
CA PRO A 257 -7.70 14.57 -3.62
C PRO A 257 -7.31 14.05 -5.00
N PHE A 258 -6.69 12.87 -5.07
CA PHE A 258 -6.43 12.15 -6.33
C PHE A 258 -7.73 12.02 -7.11
N VAL A 259 -7.64 12.30 -8.42
CA VAL A 259 -8.75 12.22 -9.40
C VAL A 259 -8.68 10.84 -10.05
N GLY A 260 -9.75 10.06 -9.95
CA GLY A 260 -9.83 8.74 -10.61
C GLY A 260 -10.65 8.86 -11.87
N VAL A 261 -10.27 8.16 -12.92
CA VAL A 261 -11.12 7.96 -14.13
C VAL A 261 -11.56 6.49 -14.14
N LEU A 262 -12.81 6.21 -13.82
CA LEU A 262 -13.34 4.85 -14.03
C LEU A 262 -13.21 4.57 -15.54
N SER A 263 -12.51 3.49 -15.86
CA SER A 263 -12.19 3.07 -17.24
C SER A 263 -12.45 1.56 -17.35
N ALA A 264 -13.04 1.15 -18.48
CA ALA A 264 -13.49 -0.22 -18.79
C ALA A 264 -12.50 -0.89 -19.75
N GLY A 265 -11.54 -1.67 -19.19
CA GLY A 265 -10.48 -2.36 -19.94
C GLY A 265 -10.95 -3.66 -20.56
N ILE A 266 -10.40 -4.01 -21.72
CA ILE A 266 -10.71 -5.25 -22.47
C ILE A 266 -9.50 -6.18 -22.41
N ASN A 267 -9.75 -7.43 -21.99
CA ASN A 267 -8.79 -8.53 -21.69
C ASN A 267 -8.07 -8.93 -22.99
N ALA A 268 -6.75 -9.06 -22.93
CA ALA A 268 -5.89 -9.53 -24.05
C ALA A 268 -6.45 -10.84 -24.63
N ALA A 269 -6.77 -11.79 -23.74
CA ALA A 269 -7.15 -13.18 -24.07
C ALA A 269 -8.59 -13.28 -24.60
N SER A 270 -9.45 -12.28 -24.33
CA SER A 270 -10.88 -12.31 -24.74
C SER A 270 -11.00 -12.67 -26.22
N PRO A 271 -11.68 -13.78 -26.56
CA PRO A 271 -12.03 -14.06 -27.95
C PRO A 271 -13.29 -13.31 -28.41
N ASN A 272 -13.76 -12.35 -27.60
CA ASN A 272 -15.04 -11.62 -27.80
C ASN A 272 -14.76 -10.12 -27.98
N LYS A 273 -13.57 -9.77 -28.44
CA LYS A 273 -13.06 -8.39 -28.54
C LYS A 273 -14.15 -7.55 -29.21
N GLU A 274 -14.54 -7.95 -30.43
CA GLU A 274 -15.51 -7.23 -31.30
C GLU A 274 -16.76 -6.82 -30.50
N LEU A 275 -17.20 -7.66 -29.56
CA LEU A 275 -18.46 -7.46 -28.79
C LEU A 275 -18.25 -6.40 -27.72
N ALA A 276 -17.17 -6.58 -26.94
CA ALA A 276 -16.79 -5.62 -25.89
C ALA A 276 -16.80 -4.23 -26.53
N LYS A 277 -16.08 -4.04 -27.62
CA LYS A 277 -16.05 -2.73 -28.31
C LYS A 277 -17.49 -2.36 -28.66
N GLU A 278 -18.26 -3.36 -29.10
CA GLU A 278 -19.67 -3.16 -29.48
C GLU A 278 -20.48 -2.78 -28.24
N PHE A 279 -20.24 -3.45 -27.12
CA PHE A 279 -21.06 -3.12 -25.95
C PHE A 279 -20.72 -1.74 -25.39
N LEU A 280 -19.46 -1.48 -25.08
CA LEU A 280 -19.12 -0.21 -24.42
C LEU A 280 -19.39 0.99 -25.31
N GLU A 281 -18.98 0.97 -26.56
CA GLU A 281 -19.18 2.18 -27.40
C GLU A 281 -20.64 2.37 -27.73
N ASN A 282 -21.25 1.35 -28.32
CA ASN A 282 -22.65 1.43 -28.81
C ASN A 282 -23.67 1.42 -27.67
N TYR A 283 -23.43 0.64 -26.63
CA TYR A 283 -24.46 0.51 -25.58
C TYR A 283 -24.11 1.21 -24.28
N LEU A 284 -23.03 0.82 -23.59
CA LEU A 284 -22.81 1.42 -22.27
C LEU A 284 -22.53 2.91 -22.35
N LEU A 285 -21.65 3.35 -23.25
CA LEU A 285 -21.34 4.79 -23.28
C LEU A 285 -22.36 5.53 -24.13
N THR A 286 -23.55 5.69 -23.58
CA THR A 286 -24.71 6.39 -24.19
C THR A 286 -25.49 7.02 -23.04
N ASP A 287 -26.28 8.03 -23.35
CA ASP A 287 -27.06 8.65 -22.25
C ASP A 287 -27.99 7.59 -21.66
N GLU A 288 -28.67 6.84 -22.52
CA GLU A 288 -29.58 5.77 -22.05
C GLU A 288 -28.77 4.79 -21.20
N GLY A 289 -27.58 4.44 -21.66
CA GLY A 289 -26.71 3.48 -20.96
C GLY A 289 -26.29 4.00 -19.60
N LEU A 290 -25.70 5.19 -19.56
CA LEU A 290 -24.99 5.66 -18.34
C LEU A 290 -26.00 6.05 -17.25
N GLU A 291 -27.20 6.49 -17.65
CA GLU A 291 -28.32 6.79 -16.73
C GLU A 291 -28.53 5.57 -15.82
N ALA A 292 -28.79 4.40 -16.41
CA ALA A 292 -29.07 3.13 -15.71
C ALA A 292 -28.06 2.89 -14.59
N VAL A 293 -26.79 3.22 -14.85
CA VAL A 293 -25.65 2.91 -13.94
C VAL A 293 -25.57 3.97 -12.83
N ASN A 294 -25.72 5.23 -13.22
CA ASN A 294 -25.70 6.42 -12.32
C ASN A 294 -26.85 6.24 -11.30
N LYS A 295 -27.94 5.65 -11.75
CA LYS A 295 -29.14 5.41 -10.92
C LYS A 295 -28.80 4.46 -9.78
N ASP A 296 -28.25 3.28 -10.07
CA ASP A 296 -27.98 2.35 -8.96
C ASP A 296 -26.94 2.94 -8.01
N LYS A 297 -25.86 3.47 -8.55
CA LYS A 297 -24.82 4.11 -7.73
C LYS A 297 -24.24 5.24 -8.56
N PRO A 298 -24.30 6.52 -8.12
CA PRO A 298 -23.83 7.62 -8.95
C PRO A 298 -22.39 7.53 -9.41
N LEU A 299 -22.21 7.69 -10.72
CA LEU A 299 -20.90 7.69 -11.40
C LEU A 299 -20.14 9.00 -11.14
N GLY A 300 -20.85 10.13 -11.14
CA GLY A 300 -20.17 11.43 -11.03
C GLY A 300 -19.85 11.95 -12.42
N ALA A 301 -18.89 12.86 -12.56
CA ALA A 301 -18.51 13.42 -13.87
C ALA A 301 -18.31 12.29 -14.88
N VAL A 302 -19.05 12.29 -15.96
CA VAL A 302 -18.97 11.16 -16.92
C VAL A 302 -18.07 11.54 -18.08
N ALA A 303 -17.52 10.56 -18.77
CA ALA A 303 -16.68 10.85 -19.95
C ALA A 303 -17.56 11.41 -21.05
N LEU A 304 -18.78 10.89 -21.18
CA LEU A 304 -19.71 11.30 -22.26
C LEU A 304 -20.04 12.78 -22.17
N LYS A 305 -19.56 13.55 -23.13
CA LYS A 305 -19.85 15.00 -23.20
C LYS A 305 -21.35 15.22 -23.13
N SER A 306 -22.06 14.66 -24.12
CA SER A 306 -23.53 14.74 -24.29
C SER A 306 -24.24 14.62 -22.95
N TYR A 307 -23.99 13.55 -22.22
CA TYR A 307 -24.70 13.27 -20.95
C TYR A 307 -24.06 13.98 -19.76
N GLU A 308 -22.83 14.45 -19.87
CA GLU A 308 -22.22 15.08 -18.68
C GLU A 308 -22.75 16.50 -18.51
N GLU A 309 -23.23 17.11 -19.60
CA GLU A 309 -23.75 18.49 -19.59
C GLU A 309 -24.94 18.58 -18.64
N GLU A 310 -25.61 17.46 -18.39
CA GLU A 310 -26.83 17.44 -17.54
C GLU A 310 -26.43 17.37 -16.06
N LEU A 311 -25.63 16.37 -15.67
CA LEU A 311 -25.18 16.17 -14.25
C LEU A 311 -24.53 17.47 -13.75
N ALA A 312 -23.82 18.14 -14.64
CA ALA A 312 -23.12 19.41 -14.31
C ALA A 312 -24.08 20.36 -13.60
N LYS A 313 -25.37 20.16 -13.84
CA LYS A 313 -26.44 20.97 -13.25
C LYS A 313 -26.52 20.66 -11.75
N ASP A 314 -26.66 19.38 -11.40
CA ASP A 314 -26.70 18.95 -9.98
C ASP A 314 -25.45 19.47 -9.29
N PRO A 315 -25.55 20.07 -8.08
CA PRO A 315 -24.40 20.63 -7.40
C PRO A 315 -23.54 19.62 -6.64
N ARG A 316 -23.96 18.36 -6.64
CA ARG A 316 -23.17 17.29 -6.00
C ARG A 316 -21.96 17.06 -6.89
N ILE A 317 -22.19 17.11 -8.19
CA ILE A 317 -21.10 17.01 -9.20
C ILE A 317 -20.16 18.19 -8.96
N ALA A 318 -20.67 19.39 -9.23
CA ALA A 318 -19.98 20.68 -9.09
C ALA A 318 -19.09 20.70 -7.85
N ALA A 319 -19.57 20.19 -6.73
CA ALA A 319 -18.72 20.10 -5.53
C ALA A 319 -17.56 19.17 -5.83
N THR A 320 -17.85 18.05 -6.47
CA THR A 320 -16.83 17.05 -6.82
C THR A 320 -15.84 17.65 -7.81
N MET A 321 -16.36 18.31 -8.84
CA MET A 321 -15.53 18.89 -9.93
C MET A 321 -14.65 19.99 -9.35
N GLU A 322 -15.17 20.68 -8.35
CA GLU A 322 -14.43 21.77 -7.66
C GLU A 322 -13.34 21.14 -6.79
N ASN A 323 -13.55 19.92 -6.32
CA ASN A 323 -12.57 19.16 -5.50
C ASN A 323 -11.55 18.53 -6.46
N ALA A 324 -12.01 17.95 -7.56
CA ALA A 324 -11.17 17.41 -8.65
C ALA A 324 -10.12 18.46 -9.05
N GLN A 325 -10.54 19.70 -9.30
CA GLN A 325 -9.67 20.81 -9.76
C GLN A 325 -8.54 21.04 -8.75
N LYS A 326 -8.84 21.03 -7.46
CA LYS A 326 -7.83 21.38 -6.42
C LYS A 326 -6.76 20.28 -6.39
N GLY A 327 -7.15 19.03 -6.64
CA GLY A 327 -6.26 17.86 -6.60
C GLY A 327 -5.69 17.55 -7.98
N GLU A 328 -4.88 16.48 -8.07
CA GLU A 328 -4.15 16.07 -9.29
C GLU A 328 -4.68 14.71 -9.76
N ILE A 329 -4.51 14.41 -11.04
CA ILE A 329 -5.02 13.16 -11.69
C ILE A 329 -4.12 12.03 -11.20
N MET A 330 -4.60 10.79 -11.24
CA MET A 330 -3.82 9.63 -10.74
C MET A 330 -2.88 9.17 -11.84
N PRO A 331 -1.55 9.16 -11.57
CA PRO A 331 -0.56 8.58 -12.47
C PRO A 331 -1.02 7.22 -13.00
N ASN A 332 -0.94 7.03 -14.31
CA ASN A 332 -1.62 5.96 -15.09
C ASN A 332 -0.57 4.93 -15.42
N ILE A 333 0.19 4.49 -14.41
CA ILE A 333 1.42 3.68 -14.63
C ILE A 333 1.36 2.44 -13.74
N PRO A 334 2.35 1.53 -13.87
CA PRO A 334 2.48 0.38 -12.97
C PRO A 334 2.98 0.69 -11.55
N GLN A 335 4.00 1.55 -11.39
CA GLN A 335 4.68 1.76 -10.09
C GLN A 335 3.68 2.37 -9.10
N MET A 336 2.49 2.71 -9.59
CA MET A 336 1.32 3.04 -8.73
C MET A 336 1.14 1.95 -7.67
N SER A 337 1.17 0.67 -8.07
CA SER A 337 0.94 -0.47 -7.13
C SER A 337 1.92 -0.36 -5.97
N ALA A 338 3.22 -0.23 -6.28
CA ALA A 338 4.30 -0.03 -5.30
C ALA A 338 3.97 1.17 -4.42
N PHE A 339 3.57 2.28 -5.05
CA PHE A 339 3.20 3.57 -4.39
C PHE A 339 2.08 3.35 -3.38
N TRP A 340 0.99 2.74 -3.84
CA TRP A 340 -0.21 2.45 -3.02
C TRP A 340 0.16 1.69 -1.75
N TYR A 341 0.64 0.46 -1.90
CA TYR A 341 1.01 -0.39 -0.76
C TYR A 341 1.94 0.35 0.19
N ALA A 342 2.86 1.13 -0.35
CA ALA A 342 3.85 1.84 0.46
C ALA A 342 3.18 2.84 1.38
N VAL A 343 2.20 3.57 0.86
CA VAL A 343 1.40 4.59 1.61
C VAL A 343 0.43 3.95 2.58
N ARG A 344 -0.23 2.86 2.17
CA ARG A 344 -1.26 2.20 3.01
C ARG A 344 -0.60 1.78 4.30
N THR A 345 0.57 1.18 4.18
CA THR A 345 1.40 0.79 5.33
C THR A 345 1.76 2.04 6.12
N ALA A 346 2.28 3.05 5.43
CA ALA A 346 2.74 4.29 6.09
C ALA A 346 1.62 4.88 6.92
N VAL A 347 0.40 4.80 6.41
CA VAL A 347 -0.76 5.35 7.17
C VAL A 347 -0.94 4.48 8.40
N ILE A 348 -1.32 3.23 8.15
CA ILE A 348 -1.61 2.20 9.18
C ILE A 348 -0.53 2.17 10.25
N ASN A 349 0.72 1.88 9.86
CA ASN A 349 1.85 1.78 10.81
C ASN A 349 1.95 3.01 11.73
N ALA A 350 1.76 4.22 11.19
CA ALA A 350 1.90 5.45 11.99
C ALA A 350 0.56 5.82 12.64
N ALA A 351 -0.55 5.38 12.05
CA ALA A 351 -1.87 5.67 12.66
C ALA A 351 -2.05 4.73 13.85
N SER A 352 -1.43 3.56 13.78
CA SER A 352 -1.47 2.60 14.91
C SER A 352 -0.31 2.93 15.86
N GLY A 353 0.05 4.22 15.97
CA GLY A 353 1.09 4.73 16.85
C GLY A 353 2.31 3.84 16.99
N ARG A 354 2.52 2.91 16.05
CA ARG A 354 3.69 2.01 16.11
C ARG A 354 4.76 2.53 15.17
N GLN A 355 4.59 3.75 14.67
CA GLN A 355 5.60 4.34 13.77
C GLN A 355 5.55 5.85 13.84
N THR A 356 6.72 6.47 13.94
CA THR A 356 6.83 7.96 13.85
C THR A 356 6.50 8.38 12.42
N VAL A 357 5.69 9.43 12.27
CA VAL A 357 5.20 9.97 10.97
C VAL A 357 6.37 10.09 9.99
N ASP A 358 7.50 10.64 10.45
CA ASP A 358 8.76 10.76 9.67
C ASP A 358 9.18 9.36 9.23
N ALA A 359 9.46 8.49 10.20
CA ALA A 359 9.90 7.10 10.00
C ALA A 359 9.00 6.39 8.99
N ALA A 360 7.70 6.52 9.14
CA ALA A 360 6.69 5.84 8.29
C ALA A 360 6.76 6.32 6.84
N LEU A 361 6.76 7.63 6.62
CA LEU A 361 6.84 8.20 5.25
C LEU A 361 8.20 7.91 4.62
N ALA A 362 9.27 8.00 5.39
CA ALA A 362 10.62 7.75 4.85
C ALA A 362 10.67 6.33 4.32
N ALA A 363 10.15 5.38 5.09
CA ALA A 363 10.11 3.99 4.61
C ALA A 363 9.22 3.92 3.38
N ALA A 364 8.08 4.59 3.41
CA ALA A 364 7.14 4.55 2.28
C ALA A 364 7.77 5.14 1.03
N GLN A 365 8.55 6.20 1.18
CA GLN A 365 9.18 6.85 0.01
C GLN A 365 10.14 5.88 -0.69
N THR A 366 10.96 5.17 0.07
CA THR A 366 11.98 4.26 -0.52
C THR A 366 11.30 3.04 -1.13
N ASN A 367 10.11 2.73 -0.60
CA ASN A 367 9.33 1.54 -1.01
C ASN A 367 8.77 1.72 -2.41
N ALA A 368 8.45 2.94 -2.80
CA ALA A 368 8.04 3.21 -4.19
C ALA A 368 9.29 3.59 -4.99
N ALA A 369 10.20 2.65 -5.25
CA ALA A 369 11.42 3.04 -5.98
C ALA A 369 11.87 2.03 -7.04
N SER A 370 12.34 0.84 -6.66
CA SER A 370 12.92 -0.07 -7.69
C SER A 370 12.30 -1.48 -7.63
N SER A 371 13.14 -2.50 -7.42
CA SER A 371 12.68 -3.90 -7.33
C SER A 371 12.34 -4.27 -5.90
N ALA A 372 11.55 -5.35 -5.74
CA ALA A 372 11.05 -5.78 -4.42
C ALA A 372 12.03 -6.70 -3.69
N CYS A 373 13.15 -7.05 -4.32
CA CYS A 373 14.08 -8.02 -3.69
C CYS A 373 15.23 -7.36 -2.93
N GLY A 374 14.93 -6.32 -2.15
CA GLY A 374 15.93 -5.60 -1.35
C GLY A 374 15.89 -6.04 0.10
N ARG A 375 15.38 -5.19 1.00
CA ARG A 375 15.19 -5.51 2.43
C ARG A 375 14.03 -4.65 2.95
N GLN A 376 13.13 -5.19 3.79
CA GLN A 376 11.97 -4.42 4.31
C GLN A 376 12.39 -3.75 5.63
N HIS A 377 12.01 -4.36 6.75
CA HIS A 377 12.44 -4.02 8.13
C HIS A 377 11.84 -2.78 8.78
N LEU A 378 11.83 -2.80 10.12
CA LEU A 378 11.34 -1.75 11.04
C LEU A 378 10.12 -1.09 10.44
N GLU A 379 9.11 -1.93 10.30
CA GLU A 379 7.78 -1.57 9.78
C GLU A 379 6.87 -2.51 10.55
N PRO A 380 5.85 -2.01 11.24
CA PRO A 380 4.97 -2.90 11.97
C PRO A 380 4.35 -3.82 10.91
N THR A 381 3.76 -3.21 9.89
CA THR A 381 3.07 -3.91 8.78
C THR A 381 3.98 -3.92 7.55
N GLY A 382 3.51 -4.48 6.44
CA GLY A 382 4.32 -4.50 5.22
C GLY A 382 3.65 -5.36 4.18
N THR A 383 3.71 -4.95 2.92
CA THR A 383 3.07 -5.74 1.82
C THR A 383 4.10 -5.94 0.72
N ILE A 384 4.80 -7.08 0.74
CA ILE A 384 5.87 -7.41 -0.26
C ILE A 384 5.21 -8.11 -1.45
N ASP A 385 5.18 -7.45 -2.59
CA ASP A 385 4.59 -8.06 -3.80
C ASP A 385 5.76 -8.61 -4.59
N MET A 386 6.08 -9.89 -4.41
CA MET A 386 7.25 -10.51 -5.07
C MET A 386 6.81 -11.20 -6.36
N ARG A 387 5.59 -10.95 -6.81
CA ARG A 387 5.06 -11.57 -8.04
C ARG A 387 5.82 -11.05 -9.27
N GLY A 388 6.16 -11.95 -10.18
CA GLY A 388 6.81 -11.55 -11.44
C GLY A 388 8.02 -10.67 -11.23
N PRO A 389 8.99 -11.06 -10.37
CA PRO A 389 10.17 -10.26 -10.09
C PRO A 389 11.21 -10.46 -11.20
N GLY A 390 12.25 -9.64 -11.17
CA GLY A 390 13.32 -9.76 -12.18
C GLY A 390 14.09 -11.06 -12.11
N GLN A 391 14.24 -11.65 -10.93
CA GLN A 391 15.17 -12.81 -10.82
C GLN A 391 14.54 -14.16 -10.49
N ALA A 392 13.26 -14.21 -10.09
CA ALA A 392 12.63 -15.46 -9.61
C ALA A 392 13.59 -16.18 -8.64
N ASP A 393 14.39 -15.39 -7.92
CA ASP A 393 15.21 -15.82 -6.75
C ASP A 393 15.12 -14.68 -5.73
N CYS A 394 13.93 -14.12 -5.58
CA CYS A 394 13.63 -12.91 -4.77
C CYS A 394 13.77 -13.26 -3.30
N ALA A 395 14.92 -12.90 -2.72
CA ALA A 395 15.18 -12.91 -1.27
C ALA A 395 14.87 -11.53 -0.70
N VAL A 396 14.24 -11.47 0.48
CA VAL A 396 13.91 -10.21 1.18
C VAL A 396 13.96 -10.47 2.69
N ALA A 397 14.49 -9.51 3.45
CA ALA A 397 14.70 -9.62 4.91
C ALA A 397 13.72 -8.69 5.61
N ILE A 398 13.13 -9.14 6.73
CA ILE A 398 12.32 -8.33 7.69
C ILE A 398 13.10 -8.21 9.00
N GLY A 399 12.95 -7.07 9.69
CA GLY A 399 13.59 -6.83 10.99
C GLY A 399 12.75 -5.91 11.85
N ARG A 400 12.27 -6.41 12.99
CA ARG A 400 11.70 -5.63 14.12
C ARG A 400 12.74 -5.56 15.24
N PRO A 401 12.55 -4.83 16.36
CA PRO A 401 13.57 -4.82 17.40
C PRO A 401 13.44 -6.09 18.25
N LEU A 402 14.39 -6.32 19.17
CA LEU A 402 14.29 -7.35 20.22
C LEU A 402 12.98 -7.14 20.97
N GLY A 403 12.36 -8.24 21.42
CA GLY A 403 11.14 -8.24 22.25
C GLY A 403 9.89 -8.42 21.40
N GLU A 404 10.05 -8.42 20.07
CA GLU A 404 8.94 -8.59 19.08
C GLU A 404 9.20 -9.87 18.28
N VAL A 405 8.22 -10.25 17.47
CA VAL A 405 8.18 -11.48 16.61
C VAL A 405 7.54 -11.05 15.29
N VAL A 406 7.68 -11.83 14.22
CA VAL A 406 7.12 -11.45 12.89
C VAL A 406 5.96 -12.39 12.52
N THR A 407 4.80 -11.82 12.23
CA THR A 407 3.68 -12.49 11.53
C THR A 407 3.90 -12.42 10.02
N LEU A 408 3.23 -13.29 9.26
CA LEU A 408 3.29 -13.26 7.77
C LEU A 408 2.10 -14.06 7.21
N ARG A 409 1.35 -13.45 6.29
CA ARG A 409 0.18 -14.06 5.61
C ARG A 409 0.45 -13.98 4.10
N VAL A 410 0.40 -15.09 3.37
CA VAL A 410 0.42 -15.09 1.88
C VAL A 410 -0.97 -14.68 1.38
N LEU A 411 -1.04 -13.74 0.43
CA LEU A 411 -2.31 -13.14 -0.06
C LEU A 411 -2.66 -13.69 -1.46
N GLU A 412 -1.68 -13.81 -2.36
CA GLU A 412 -1.86 -14.47 -3.68
C GLU A 412 -0.60 -15.30 -4.00
N SER A 413 -0.77 -16.41 -4.72
CA SER A 413 0.32 -17.36 -5.11
C SER A 413 0.15 -17.81 -6.57
N SER A 414 1.23 -17.67 -7.35
CA SER A 414 1.25 -18.08 -8.78
C SER A 414 2.54 -18.86 -9.07
N LEU A 415 2.91 -19.73 -8.12
CA LEU A 415 4.12 -20.59 -8.12
C LEU A 415 3.81 -21.91 -8.82
N ASN A 416 4.83 -22.63 -9.34
CA ASN A 416 4.61 -23.90 -10.10
C ASN A 416 4.50 -25.11 -9.16
N CYS A 417 5.11 -24.99 -7.97
CA CYS A 417 5.18 -25.98 -6.84
C CYS A 417 5.93 -27.21 -7.30
N SER A 418 5.54 -27.67 -8.48
CA SER A 418 5.96 -28.99 -9.03
C SER A 418 7.36 -28.84 -9.65
N ALA A 419 7.53 -27.86 -10.55
CA ALA A 419 8.84 -27.59 -11.17
C ALA A 419 9.91 -27.46 -10.09
N GLY A 420 9.56 -26.82 -8.99
CA GLY A 420 10.53 -26.66 -7.91
C GLY A 420 10.29 -25.33 -7.25
N ASP A 421 9.29 -24.59 -7.74
CA ASP A 421 8.98 -23.28 -7.13
C ASP A 421 8.53 -23.50 -5.70
N MET A 422 8.96 -22.62 -4.79
CA MET A 422 8.52 -22.65 -3.37
C MET A 422 8.99 -21.40 -2.61
N LEU A 423 8.42 -21.21 -1.41
CA LEU A 423 8.77 -20.15 -0.43
C LEU A 423 9.79 -20.70 0.56
N LEU A 424 10.35 -19.85 1.42
CA LEU A 424 11.32 -20.30 2.45
C LEU A 424 11.47 -19.20 3.49
N LEU A 425 10.99 -19.46 4.70
CA LEU A 425 11.07 -18.49 5.81
C LEU A 425 12.19 -18.95 6.75
N TRP A 426 13.45 -18.65 6.42
CA TRP A 426 14.60 -18.92 7.32
C TRP A 426 14.55 -17.91 8.47
N GLY A 427 14.67 -18.41 9.70
CA GLY A 427 14.74 -17.58 10.93
C GLY A 427 15.97 -17.92 11.75
N ARG A 428 16.17 -17.24 12.87
CA ARG A 428 17.28 -17.56 13.81
C ARG A 428 17.04 -18.97 14.35
N LEU A 429 15.84 -19.19 14.91
CA LEU A 429 15.36 -20.45 15.54
C LEU A 429 14.19 -21.04 14.75
N THR A 430 13.72 -20.34 13.71
CA THR A 430 12.60 -20.76 12.83
C THR A 430 13.20 -21.33 11.54
N TRP A 431 12.42 -22.14 10.84
CA TRP A 431 12.69 -22.65 9.48
C TRP A 431 11.39 -23.29 8.98
N ARG A 432 11.01 -22.91 7.77
CA ARG A 432 9.81 -23.43 7.09
C ARG A 432 10.05 -23.31 5.59
N LYS A 433 9.60 -24.27 4.81
CA LYS A 433 9.73 -24.18 3.34
C LYS A 433 8.38 -24.59 2.79
N MET A 434 7.82 -23.88 1.83
CA MET A 434 6.48 -24.31 1.41
C MET A 434 6.13 -23.95 -0.04
N CYS A 435 4.94 -24.39 -0.40
CA CYS A 435 4.23 -24.21 -1.69
C CYS A 435 2.84 -24.81 -1.48
N ARG A 436 2.22 -25.31 -2.55
CA ARG A 436 0.89 -25.95 -2.45
C ARG A 436 -0.07 -24.94 -1.85
N LYS A 437 -0.61 -25.28 -0.69
CA LYS A 437 -1.67 -24.53 0.00
C LYS A 437 -1.11 -23.48 0.95
N LEU A 438 -0.23 -22.59 0.49
CA LEU A 438 0.31 -21.56 1.44
C LEU A 438 -0.64 -20.35 1.55
N LEU A 439 -1.67 -20.31 0.72
CA LEU A 439 -2.63 -19.20 0.70
C LEU A 439 -3.35 -19.10 2.05
N ASP A 440 -3.49 -17.87 2.53
CA ASP A 440 -4.26 -17.47 3.75
C ASP A 440 -3.88 -18.29 4.97
N MET A 441 -2.60 -18.59 5.18
CA MET A 441 -2.22 -19.31 6.42
C MET A 441 -1.19 -18.44 7.13
N THR A 442 -1.34 -18.21 8.43
CA THR A 442 -0.40 -17.31 9.15
C THR A 442 0.86 -18.07 9.57
N PHE A 443 2.02 -17.48 9.31
CA PHE A 443 3.33 -18.04 9.74
C PHE A 443 3.93 -17.11 10.79
N SER A 444 4.99 -17.52 11.49
CA SER A 444 5.58 -16.77 12.63
C SER A 444 7.07 -17.10 12.77
N SER A 445 7.89 -16.07 12.93
CA SER A 445 9.23 -16.22 13.53
C SER A 445 9.01 -16.50 15.01
N LYS A 446 10.10 -16.75 15.74
CA LYS A 446 10.12 -16.86 17.21
C LYS A 446 10.98 -15.71 17.75
N THR A 447 11.48 -14.87 16.85
CA THR A 447 12.53 -13.84 17.10
C THR A 447 12.20 -12.58 16.30
N ASN A 448 13.14 -11.65 16.20
CA ASN A 448 12.92 -10.29 15.66
C ASN A 448 13.29 -10.23 14.16
N THR A 449 14.17 -11.12 13.67
CA THR A 449 14.55 -11.19 12.23
C THR A 449 13.73 -12.29 11.54
N LEU A 450 13.65 -12.21 10.21
CA LEU A 450 12.99 -13.19 9.30
C LEU A 450 13.44 -12.89 7.86
N VAL A 451 13.69 -13.92 7.06
CA VAL A 451 14.08 -13.76 5.63
C VAL A 451 13.42 -14.84 4.78
N VAL A 452 13.05 -14.42 3.56
CA VAL A 452 12.00 -15.05 2.71
C VAL A 452 12.52 -15.18 1.28
N ARG A 453 13.14 -16.32 0.95
CA ARG A 453 13.56 -16.54 -0.45
C ARG A 453 12.35 -17.03 -1.23
N GLN A 454 12.34 -16.81 -2.55
CA GLN A 454 11.22 -17.23 -3.42
C GLN A 454 11.81 -17.85 -4.67
N ARG A 455 11.86 -19.18 -4.74
CA ARG A 455 12.45 -19.86 -5.92
C ARG A 455 11.34 -20.23 -6.90
N SER A 456 11.17 -19.43 -7.95
CA SER A 456 10.08 -19.70 -8.92
C SER A 456 10.50 -19.27 -10.31
N GLY A 457 10.71 -20.22 -11.21
CA GLY A 457 11.18 -19.92 -12.58
C GLY A 457 10.12 -19.29 -13.47
N ARG A 458 8.84 -19.37 -13.11
CA ARG A 458 7.81 -18.77 -13.98
C ARG A 458 8.01 -17.26 -13.99
N PRO A 459 8.30 -16.67 -15.17
CA PRO A 459 8.63 -15.24 -15.31
C PRO A 459 7.76 -14.29 -14.47
N GLY A 460 6.45 -14.51 -14.48
CA GLY A 460 5.50 -13.70 -13.70
C GLY A 460 4.94 -14.53 -12.57
N GLY A 461 5.59 -15.64 -12.26
CA GLY A 461 5.10 -16.51 -11.17
C GLY A 461 5.80 -16.21 -9.87
N GLY A 462 5.12 -15.47 -9.00
CA GLY A 462 5.60 -15.06 -7.67
C GLY A 462 4.45 -15.00 -6.69
N VAL A 463 4.70 -14.57 -5.45
CA VAL A 463 3.61 -14.51 -4.45
C VAL A 463 3.51 -13.12 -3.84
N LEU A 464 2.30 -12.71 -3.47
CA LEU A 464 2.06 -11.43 -2.77
C LEU A 464 1.77 -11.82 -1.31
N LEU A 465 2.48 -11.21 -0.36
CA LEU A 465 2.22 -11.53 1.06
C LEU A 465 2.28 -10.25 1.91
N ARG A 466 1.47 -10.21 2.97
CA ARG A 466 1.44 -9.13 3.99
C ARG A 466 2.04 -9.71 5.28
N TYR A 467 2.75 -8.88 6.05
CA TYR A 467 3.36 -9.28 7.34
C TYR A 467 3.04 -8.23 8.41
N GLY A 468 3.24 -8.62 9.67
CA GLY A 468 3.13 -7.74 10.85
C GLY A 468 4.10 -8.16 11.94
N SER A 469 4.02 -7.53 13.09
CA SER A 469 4.80 -7.89 14.30
C SER A 469 3.85 -8.04 15.49
N GLN A 470 4.38 -8.50 16.63
CA GLN A 470 3.55 -8.69 17.85
C GLN A 470 4.45 -8.64 19.09
N LEU A 471 3.88 -8.32 20.25
CA LEU A 471 4.64 -8.24 21.52
C LEU A 471 5.18 -9.63 21.88
N ALA A 472 6.40 -9.69 22.42
CA ALA A 472 7.03 -10.98 22.80
C ALA A 472 6.06 -11.79 23.66
N PRO A 473 5.64 -13.00 23.24
CA PRO A 473 4.72 -13.83 24.02
C PRO A 473 5.38 -14.37 25.29
N GLU A 474 6.70 -14.56 25.23
CA GLU A 474 7.48 -15.07 26.39
C GLU A 474 8.52 -14.03 26.81
N THR A 475 9.54 -13.84 25.94
CA THR A 475 10.71 -12.92 25.93
C THR A 475 11.87 -13.71 26.55
N PHE A 476 13.09 -13.60 26.00
CA PHE A 476 14.23 -14.36 26.59
C PHE A 476 15.57 -13.84 26.09
N TYR A 477 15.70 -12.54 25.80
CA TYR A 477 16.99 -12.06 25.28
C TYR A 477 17.85 -11.32 26.31
N ARG A 478 17.44 -11.29 27.57
CA ARG A 478 18.24 -10.68 28.67
C ARG A 478 18.47 -9.17 28.50
N GLU A 479 17.57 -8.48 27.82
CA GLU A 479 17.59 -7.00 27.66
C GLU A 479 18.89 -6.43 27.10
N CYS A 480 20.00 -6.50 27.83
CA CYS A 480 21.26 -5.83 27.42
C CYS A 480 21.59 -6.16 25.95
N ASP A 481 21.28 -7.35 25.46
CA ASP A 481 21.54 -7.66 24.03
C ASP A 481 20.84 -6.60 23.20
N MET A 482 21.57 -6.02 22.25
CA MET A 482 21.00 -4.97 21.40
C MET A 482 20.84 -5.52 19.97
N GLN A 483 20.06 -4.84 19.16
CA GLN A 483 19.82 -5.27 17.77
C GLN A 483 20.04 -4.08 16.83
N LEU A 484 21.13 -4.04 16.08
CA LEU A 484 21.24 -2.93 15.10
C LEU A 484 21.36 -3.59 13.73
N PHE A 485 20.55 -3.18 12.78
CA PHE A 485 20.60 -3.89 11.48
C PHE A 485 20.12 -2.98 10.36
N GLY A 486 20.98 -2.12 9.84
CA GLY A 486 20.53 -1.23 8.76
C GLY A 486 21.35 -1.47 7.52
N PRO A 487 21.49 -0.47 6.63
CA PRO A 487 22.40 -0.53 5.51
C PRO A 487 23.81 -0.39 6.07
N TRP A 488 23.97 0.41 7.11
CA TRP A 488 25.26 0.70 7.76
C TRP A 488 24.94 1.44 9.05
N GLY A 489 25.86 1.44 9.98
CA GLY A 489 25.59 2.24 11.18
C GLY A 489 26.71 2.21 12.21
N GLU A 490 26.40 2.72 13.40
CA GLU A 490 27.37 2.82 14.53
C GLU A 490 27.34 1.54 15.36
N ILE A 491 28.38 1.35 16.17
CA ILE A 491 28.59 0.16 17.04
C ILE A 491 29.04 0.67 18.41
N VAL A 492 28.33 0.32 19.47
CA VAL A 492 28.72 0.62 20.88
C VAL A 492 28.63 -0.66 21.71
N SER A 493 29.67 -0.96 22.51
CA SER A 493 29.61 -1.96 23.60
C SER A 493 28.51 -1.55 24.57
N PRO A 494 27.54 -2.42 24.92
CA PRO A 494 26.63 -2.13 26.03
C PRO A 494 27.36 -2.47 27.34
N SER A 495 26.76 -2.13 28.48
CA SER A 495 27.26 -2.50 29.83
C SER A 495 26.09 -2.83 30.75
N LEU A 496 26.40 -3.26 31.98
CA LEU A 496 25.37 -3.55 33.00
C LEU A 496 26.03 -3.46 34.38
N SER A 497 25.22 -3.37 35.43
CA SER A 497 25.70 -3.14 36.82
C SER A 497 26.49 -4.33 37.36
N PRO A 498 27.28 -4.13 38.45
CA PRO A 498 28.12 -5.20 39.01
C PRO A 498 27.29 -6.43 39.42
N ALA A 499 26.09 -6.21 39.97
CA ALA A 499 25.22 -7.34 40.33
C ALA A 499 24.38 -7.68 39.11
N THR A 500 23.08 -7.36 39.12
CA THR A 500 22.20 -7.69 37.96
C THR A 500 22.32 -9.19 37.73
N SER A 501 22.58 -9.60 36.48
CA SER A 501 22.73 -11.03 36.14
C SER A 501 24.09 -11.17 35.46
N ASN A 502 25.14 -11.37 36.26
CA ASN A 502 26.49 -11.47 35.70
C ASN A 502 26.57 -12.63 34.72
N ALA A 503 25.95 -13.77 35.03
CA ALA A 503 26.03 -14.96 34.15
C ALA A 503 25.57 -14.59 32.74
N GLY A 504 26.36 -14.98 31.73
CA GLY A 504 25.98 -14.74 30.32
C GLY A 504 26.31 -13.34 29.84
N GLY A 505 27.28 -13.22 28.93
CA GLY A 505 27.65 -11.93 28.32
C GLY A 505 26.61 -11.53 27.30
N CYS A 506 26.45 -10.23 27.04
CA CYS A 506 25.45 -9.79 26.04
C CYS A 506 25.95 -10.02 24.62
N ARG A 507 25.01 -10.15 23.69
CA ARG A 507 25.34 -10.30 22.24
C ARG A 507 24.95 -9.01 21.52
N LEU A 508 25.17 -8.97 20.22
CA LEU A 508 24.83 -7.76 19.44
C LEU A 508 24.47 -8.19 18.02
N PHE A 509 23.19 -8.37 17.76
CA PHE A 509 22.75 -8.85 16.44
C PHE A 509 22.71 -7.70 15.45
N ILE A 510 23.32 -7.94 14.31
CA ILE A 510 23.28 -6.96 13.19
C ILE A 510 22.92 -7.79 11.96
N ASN A 511 21.67 -7.70 11.53
CA ASN A 511 21.20 -8.48 10.36
C ASN A 511 20.87 -7.46 9.29
N VAL A 512 21.34 -7.67 8.07
CA VAL A 512 21.13 -6.66 6.99
C VAL A 512 20.34 -7.26 5.85
N ALA A 513 20.33 -6.58 4.71
CA ALA A 513 19.59 -6.99 3.51
C ALA A 513 20.23 -8.25 2.94
N PRO A 514 19.48 -9.15 2.29
CA PRO A 514 20.05 -10.36 1.76
C PRO A 514 21.00 -10.14 0.58
N HIS A 515 21.90 -11.11 0.37
CA HIS A 515 22.93 -11.10 -0.70
C HIS A 515 23.90 -9.95 -0.48
N ALA A 516 23.92 -9.45 0.76
CA ALA A 516 24.85 -8.38 1.19
C ALA A 516 25.59 -8.88 2.44
N ARG A 517 26.87 -8.55 2.55
CA ARG A 517 27.71 -8.92 3.72
C ARG A 517 27.88 -7.69 4.61
N ILE A 518 27.91 -7.90 5.92
CA ILE A 518 28.14 -6.80 6.90
C ILE A 518 29.64 -6.76 7.16
N ALA A 519 30.21 -5.55 7.21
CA ALA A 519 31.64 -5.29 7.48
C ALA A 519 31.73 -4.50 8.79
N ILE A 520 32.63 -4.88 9.70
CA ILE A 520 32.82 -4.19 10.99
C ILE A 520 34.25 -3.66 11.09
N HIS A 521 34.43 -2.33 11.02
CA HIS A 521 35.58 -1.59 11.58
C HIS A 521 35.16 -1.06 12.96
N ALA A 522 36.00 -1.26 13.98
CA ALA A 522 35.72 -0.87 15.37
C ALA A 522 37.00 -0.99 16.21
N LEU A 523 37.12 -0.09 17.19
CA LEU A 523 38.28 0.05 18.10
C LEU A 523 37.78 -0.13 19.53
N ALA A 524 38.46 -0.94 20.34
CA ALA A 524 37.97 -1.24 21.70
C ALA A 524 38.99 -0.84 22.75
N THR A 525 38.51 -0.34 23.90
CA THR A 525 39.40 0.16 24.97
C THR A 525 38.99 -0.37 26.33
N ASN A 526 39.86 -0.15 27.30
CA ASN A 526 39.71 -0.50 28.74
C ASN A 526 39.97 -1.98 28.97
N MET A 527 40.56 -2.67 28.00
CA MET A 527 40.97 -4.07 28.21
C MET A 527 42.11 -4.07 29.22
N GLY A 528 43.01 -3.10 29.10
CA GLY A 528 44.16 -2.98 30.02
C GLY A 528 45.33 -3.85 29.58
N ALA A 529 46.24 -4.12 30.52
CA ALA A 529 47.43 -4.97 30.29
C ALA A 529 47.03 -6.23 29.49
N GLY A 533 48.32 -18.48 27.26
CA GLY A 533 47.23 -18.65 28.24
C GLY A 533 45.95 -17.96 27.80
N ALA A 534 46.12 -16.76 27.21
CA ALA A 534 45.08 -15.86 26.65
C ALA A 534 44.25 -15.14 27.72
N ASN A 535 44.64 -15.20 28.99
CA ASN A 535 43.92 -14.44 30.06
C ASN A 535 42.44 -14.80 30.06
N ALA A 536 41.59 -13.77 29.99
CA ALA A 536 40.11 -13.82 29.97
C ALA A 536 39.56 -12.51 29.40
N SER A 537 38.23 -12.41 29.24
CA SER A 537 37.47 -11.22 28.73
C SER A 537 37.81 -10.86 27.28
N TYR A 538 36.91 -11.25 26.37
CA TYR A 538 37.11 -11.11 24.91
C TYR A 538 35.77 -10.81 24.22
N ILE A 539 35.84 -10.58 22.92
CA ILE A 539 34.63 -10.38 22.07
C ILE A 539 34.71 -11.36 20.89
N LEU A 540 33.68 -12.17 20.69
CA LEU A 540 33.63 -13.14 19.56
C LEU A 540 32.66 -12.58 18.53
N ILE A 541 32.88 -12.89 17.27
CA ILE A 541 31.98 -12.43 16.17
C ILE A 541 31.82 -13.59 15.18
N ARG A 542 30.59 -13.89 14.76
CA ARG A 542 30.29 -14.84 13.65
C ARG A 542 28.91 -14.56 13.05
N ASP A 543 28.70 -15.06 11.82
CA ASP A 543 27.39 -15.13 11.12
C ASP A 543 26.53 -16.14 11.91
N THR A 544 25.21 -15.95 11.94
CA THR A 544 24.31 -16.72 12.84
C THR A 544 24.38 -18.21 12.45
N HIS A 545 24.31 -18.53 11.17
CA HIS A 545 24.31 -19.94 10.71
C HIS A 545 25.70 -20.43 10.28
N SER A 546 26.72 -20.15 11.07
CA SER A 546 28.11 -20.61 10.80
C SER A 546 28.74 -21.00 12.13
N LEU A 547 29.71 -21.90 12.11
CA LEU A 547 30.38 -22.27 13.39
C LEU A 547 31.74 -21.59 13.47
N ARG A 548 32.11 -20.85 12.43
CA ARG A 548 33.42 -20.18 12.42
C ARG A 548 33.27 -18.89 13.21
N THR A 549 33.80 -18.89 14.43
CA THR A 549 33.76 -17.71 15.31
C THR A 549 35.16 -17.17 15.43
N THR A 550 35.38 -15.92 15.02
CA THR A 550 36.71 -15.30 15.17
C THR A 550 36.65 -14.54 16.48
N ALA A 551 37.56 -14.85 17.39
CA ALA A 551 37.53 -14.14 18.67
C ALA A 551 38.50 -12.96 18.61
N PHE A 552 38.40 -12.07 19.60
CA PHE A 552 39.36 -10.94 19.69
C PHE A 552 39.86 -10.85 21.14
N HIS A 553 41.09 -11.31 21.34
CA HIS A 553 41.71 -11.41 22.67
C HIS A 553 42.70 -10.26 22.87
N GLY A 554 42.47 -9.45 23.91
CA GLY A 554 43.35 -8.31 24.22
C GLY A 554 43.64 -7.50 22.98
N GLN A 555 42.59 -7.07 22.29
CA GLN A 555 42.83 -6.33 21.03
C GLN A 555 42.75 -4.83 21.28
N GLN A 556 42.81 -4.11 20.16
CA GLN A 556 42.81 -2.63 20.08
C GLN A 556 41.82 -2.26 19.00
N VAL A 557 42.26 -2.36 17.74
CA VAL A 557 41.38 -2.09 16.58
C VAL A 557 41.06 -3.44 15.97
N LEU A 558 39.86 -3.61 15.45
CA LEU A 558 39.53 -4.92 14.83
C LEU A 558 38.67 -4.70 13.59
N TYR A 559 38.95 -5.48 12.56
CA TYR A 559 38.15 -5.45 11.31
C TYR A 559 37.69 -6.89 11.06
N TRP A 560 36.49 -7.05 10.53
CA TRP A 560 35.88 -8.38 10.24
C TRP A 560 34.75 -8.23 9.24
N GLU A 561 34.62 -9.20 8.34
CA GLU A 561 33.55 -9.29 7.32
C GLU A 561 32.71 -10.53 7.57
N SER A 562 31.41 -10.44 7.35
CA SER A 562 30.48 -11.59 7.31
C SER A 562 30.64 -12.29 5.97
N GLU A 563 29.93 -13.40 5.81
CA GLU A 563 29.53 -13.91 4.47
C GLU A 563 28.02 -14.15 4.50
N SER A 564 27.27 -13.25 5.13
CA SER A 564 25.80 -13.37 5.33
C SER A 564 25.16 -12.01 5.65
N SER A 565 23.84 -11.97 5.47
CA SER A 565 23.01 -10.82 5.85
C SER A 565 22.88 -10.84 7.37
N GLN A 566 22.77 -12.04 7.95
CA GLN A 566 22.63 -12.25 9.40
C GLN A 566 24.01 -12.33 10.06
N ALA A 567 24.18 -11.71 11.22
CA ALA A 567 25.46 -11.76 11.96
C ALA A 567 25.21 -11.36 13.42
N GLU A 568 26.13 -11.72 14.31
CA GLU A 568 26.02 -11.31 15.73
C GLU A 568 27.40 -11.43 16.34
N MET A 569 27.76 -10.49 17.23
CA MET A 569 29.05 -10.52 17.94
C MET A 569 28.72 -10.61 19.42
N GLU A 570 29.45 -11.42 20.17
CA GLU A 570 29.10 -11.60 21.61
C GLU A 570 30.16 -10.97 22.49
N PHE A 571 29.72 -10.27 23.54
CA PHE A 571 30.65 -9.64 24.49
C PHE A 571 30.84 -10.57 25.69
N SER A 572 32.09 -11.00 25.93
CA SER A 572 32.49 -11.91 27.03
C SER A 572 31.97 -11.39 28.38
N GLU A 573 31.44 -12.31 29.20
CA GLU A 573 31.10 -12.08 30.62
C GLU A 573 32.34 -11.51 31.32
N GLY A 574 33.52 -12.03 31.00
CA GLY A 574 34.83 -11.50 31.44
C GLY A 574 34.99 -10.03 31.06
N PHE A 575 34.84 -9.71 29.77
CA PHE A 575 35.04 -8.38 29.15
C PHE A 575 34.10 -7.35 29.82
N LEU A 576 32.94 -7.81 30.28
CA LEU A 576 31.94 -6.89 30.90
C LEU A 576 32.31 -6.65 32.36
N LYS A 577 32.69 -7.72 33.07
CA LYS A 577 33.09 -7.66 34.50
C LYS A 577 34.38 -6.84 34.65
N ALA A 578 35.25 -6.88 33.63
CA ALA A 578 36.51 -6.09 33.59
C ALA A 578 36.24 -4.68 33.02
N GLN A 579 35.00 -4.39 32.65
CA GLN A 579 34.60 -3.04 32.18
C GLN A 579 35.42 -2.55 31.00
N ALA A 580 35.33 -3.21 29.85
CA ALA A 580 35.99 -2.71 28.63
C ALA A 580 34.91 -2.07 27.73
N SER A 581 35.31 -1.23 26.78
CA SER A 581 34.30 -0.58 25.88
C SER A 581 34.79 -0.60 24.44
N LEU A 582 33.88 -0.68 23.48
CA LEU A 582 34.24 -0.73 22.03
C LEU A 582 33.29 0.17 21.24
N ARG A 583 33.78 0.80 20.19
CA ARG A 583 32.98 1.72 19.34
C ARG A 583 33.49 1.60 17.90
N GLY A 584 32.59 1.76 16.93
CA GLY A 584 32.93 1.64 15.50
C GLY A 584 31.71 1.74 14.61
N GLN A 585 31.89 1.51 13.31
CA GLN A 585 30.80 1.56 12.32
C GLN A 585 30.70 0.21 11.60
N TYR A 586 29.59 -0.03 10.92
CA TYR A 586 29.37 -1.28 10.16
C TYR A 586 28.78 -0.91 8.81
N TRP A 587 29.11 -1.63 7.74
CA TRP A 587 28.52 -1.31 6.42
C TRP A 587 28.19 -2.56 5.63
N THR A 588 27.68 -2.40 4.41
CA THR A 588 27.19 -3.53 3.60
C THR A 588 27.44 -3.32 2.11
N LEU A 589 26.59 -3.96 1.28
CA LEU A 589 26.42 -3.96 -0.21
C LEU A 589 27.34 -4.94 -0.95
N GLN A 590 28.16 -5.73 -0.27
CA GLN A 590 29.15 -6.51 -1.05
C GLN A 590 28.71 -7.96 -1.32
N SER A 591 28.50 -8.31 -2.59
CA SER A 591 28.08 -9.69 -2.97
C SER A 591 29.26 -10.48 -3.49
C1 NAG B . 5.77 -27.70 -13.75
C2 NAG B . 6.70 -28.20 -14.84
C3 NAG B . 6.13 -27.89 -16.22
C4 NAG B . 4.69 -28.35 -16.33
C5 NAG B . 3.87 -27.84 -15.13
C6 NAG B . 2.44 -28.37 -15.20
C7 NAG B . 9.09 -28.11 -15.29
C8 NAG B . 10.39 -27.89 -14.57
N2 NAG B . 8.01 -27.59 -14.70
O3 NAG B . 6.92 -28.56 -17.22
O4 NAG B . 4.11 -27.86 -17.55
O5 NAG B . 4.48 -28.28 -13.92
O6 NAG B . 1.63 -27.45 -15.95
O7 NAG B . 9.02 -28.72 -16.34
C1 NAG B . 3.97 -28.95 -18.46
C2 NAG B . 2.69 -28.80 -19.27
C3 NAG B . 2.80 -29.56 -20.58
C4 NAG B . 3.73 -30.77 -20.43
C5 NAG B . 5.13 -30.34 -20.00
C6 NAG B . 6.06 -30.26 -21.20
C7 NAG B . 0.34 -29.33 -19.05
C8 NAG B . -0.72 -29.96 -18.19
N2 NAG B . 1.55 -29.27 -18.51
O3 NAG B . 3.30 -28.70 -21.60
O4 NAG B . 3.19 -31.67 -19.46
O5 NAG B . 5.08 -29.07 -19.35
O6 NAG B . 7.28 -30.97 -20.91
O7 NAG B . 0.10 -28.90 -20.16
C1 GLC C . -13.26 3.27 -5.63
C2 GLC C . -12.49 4.17 -6.61
C3 GLC C . -11.01 3.91 -6.49
C4 GLC C . -10.51 3.85 -5.06
C5 GLC C . -11.43 3.14 -4.09
C6 GLC C . -11.03 3.44 -2.66
O1 GLC C . -13.03 1.90 -6.00
O2 GLC C . -12.81 3.92 -8.00
O3 GLC C . -10.37 4.97 -7.17
O4 GLC C . -9.30 3.12 -5.15
O5 GLC C . -12.80 3.51 -4.30
O6 GLC C . -11.40 2.40 -1.73
C1 GLC C . -8.19 3.91 -5.61
C2 GLC C . -7.43 3.27 -6.77
C3 GLC C . -6.74 2.00 -6.32
C4 GLC C . -5.95 2.27 -5.05
C5 GLC C . -6.77 2.94 -3.97
C6 GLC C . -6.02 3.41 -2.74
O2 GLC C . -8.29 2.99 -7.89
O3 GLC C . -5.82 1.55 -7.31
O4 GLC C . -5.46 1.00 -4.65
O5 GLC C . -7.31 4.13 -4.50
O6 GLC C . -4.93 2.54 -2.45
#